data_4DD5
#
_entry.id   4DD5
#
_cell.length_a   58.850
_cell.length_b   107.411
_cell.length_c   151.309
_cell.angle_alpha   90.00
_cell.angle_beta   90.00
_cell.angle_gamma   90.00
#
_symmetry.space_group_name_H-M   'I 2 2 2'
#
loop_
_entity.id
_entity.type
_entity.pdbx_description
1 polymer 'Acetyl-CoA acetyltransferase'
2 water water
#
_entity_poly.entity_id   1
_entity_poly.type   'polypeptide(L)'
_entity_poly.pdbx_seq_one_letter_code
;MGVMNMREVVIASAARTAVGSFGGAFKSVSAVELGVTAAKEAIKRANITPDMIDESLLGGVLTAGLGQNIARQIALGAGI
PVEKPAMTINIVCGSGLRSVSMASQLIALGDADIMLVGGAENMSMSPYLVPSARYGARMGDAAFVDSMIKDGLSDIFNNY
HMGITAENIAEQWNITREEQDELALASQNKAEKAQAEGKFDEEIVPVVIKGRKGDTVVDKDEYIKPGTTMEKLAKLRPAF
KKDGTVTAGNASGINDGAAMLVVMAKEKAEELGIEPLATIVSYGTAGVDPKIMGYGPVPATKKALEAANMTIEDIDLVEA
NEAFAAQSVAVIRDLNIDMNKVNVNGGAIAIGHPIGCSGARILTTLLYEMKRRDAKTGLATLCIGGGMGTTLIVKR
;
_entity_poly.pdbx_strand_id   A
#
# COMPACT_ATOMS: atom_id res chain seq x y z
N MET A 6 -13.13 5.43 24.88
CA MET A 6 -12.58 4.73 23.74
C MET A 6 -11.19 4.16 24.11
N ARG A 7 -11.00 2.89 23.95
CA ARG A 7 -9.70 2.45 24.37
C ARG A 7 -8.65 2.55 23.26
N GLU A 8 -7.41 2.55 23.68
CA GLU A 8 -6.29 2.64 22.76
C GLU A 8 -6.02 1.29 22.11
N VAL A 9 -5.46 1.38 20.90
CA VAL A 9 -5.18 0.24 20.04
C VAL A 9 -3.70 0.23 19.62
N VAL A 10 -3.11 -0.94 19.61
CA VAL A 10 -1.73 -1.08 19.19
C VAL A 10 -1.64 -2.00 17.97
N ILE A 11 -0.53 -1.86 17.28
CA ILE A 11 -0.12 -2.76 16.19
C ILE A 11 0.90 -3.69 16.79
N ALA A 12 0.47 -4.92 17.00
CA ALA A 12 1.27 -5.94 17.67
C ALA A 12 2.41 -6.45 16.80
N SER A 13 2.16 -6.57 15.48
CA SER A 13 3.10 -7.24 14.59
C SER A 13 2.76 -6.90 13.14
N ALA A 14 3.73 -7.19 12.27
CA ALA A 14 3.59 -6.96 10.83
C ALA A 14 4.50 -7.91 10.10
N ALA A 15 4.06 -8.40 8.93
CA ALA A 15 4.88 -9.16 8.02
C ALA A 15 4.43 -8.95 6.61
N ARG A 16 5.37 -8.89 5.66
CA ARG A 16 5.01 -8.76 4.27
C ARG A 16 5.79 -9.73 3.42
N THR A 17 5.19 -10.13 2.31
CA THR A 17 5.99 -10.80 1.29
C THR A 17 6.91 -9.76 0.62
N ALA A 18 7.95 -10.26 -0.03
CA ALA A 18 8.60 -9.47 -1.06
C ALA A 18 7.53 -8.99 -2.05
N VAL A 19 7.78 -7.87 -2.71
CA VAL A 19 6.90 -7.39 -3.76
C VAL A 19 7.47 -7.91 -5.10
N GLY A 20 6.62 -8.64 -5.81
CA GLY A 20 6.97 -9.20 -7.11
C GLY A 20 6.70 -8.25 -8.26
N SER A 21 7.48 -8.42 -9.33
CA SER A 21 7.26 -7.69 -10.57
C SER A 21 6.09 -8.28 -11.36
N PHE A 22 5.48 -7.44 -12.20
CA PHE A 22 4.38 -7.87 -13.07
C PHE A 22 4.88 -9.01 -13.97
N GLY A 23 4.23 -10.15 -13.94
CA GLY A 23 4.69 -11.32 -14.67
C GLY A 23 5.94 -11.97 -14.15
N GLY A 24 6.32 -11.63 -12.93
CA GLY A 24 7.58 -12.07 -12.32
C GLY A 24 7.42 -13.19 -11.32
N ALA A 25 7.97 -12.97 -10.13
CA ALA A 25 8.14 -14.02 -9.13
C ALA A 25 6.81 -14.71 -8.77
N PHE A 26 5.74 -13.92 -8.72
CA PHE A 26 4.42 -14.41 -8.29
C PHE A 26 3.43 -14.49 -9.45
N LYS A 27 3.95 -14.60 -10.69
CA LYS A 27 3.08 -14.79 -11.86
C LYS A 27 2.04 -15.88 -11.65
N SER A 28 2.39 -16.90 -10.87
N SER A 28 2.36 -16.92 -10.90
CA SER A 28 1.51 -18.06 -10.61
CA SER A 28 1.37 -17.96 -10.58
C SER A 28 1.22 -18.31 -9.12
C SER A 28 1.37 -18.35 -9.11
N VAL A 29 1.52 -17.33 -8.25
CA VAL A 29 1.31 -17.49 -6.79
C VAL A 29 0.18 -16.52 -6.41
N SER A 30 -0.98 -17.06 -6.10
CA SER A 30 -2.21 -16.27 -5.97
C SER A 30 -2.16 -15.27 -4.83
N ALA A 31 -2.98 -14.23 -4.94
CA ALA A 31 -3.16 -13.24 -3.85
C ALA A 31 -3.47 -13.93 -2.53
N VAL A 32 -4.34 -14.96 -2.58
CA VAL A 32 -4.68 -15.70 -1.35
C VAL A 32 -3.45 -16.42 -0.77
N GLU A 33 -2.66 -17.07 -1.62
CA GLU A 33 -1.47 -17.78 -1.14
C GLU A 33 -0.45 -16.80 -0.53
N LEU A 34 -0.25 -15.67 -1.17
CA LEU A 34 0.63 -14.61 -0.64
C LEU A 34 0.10 -14.12 0.71
N GLY A 35 -1.21 -13.89 0.78
CA GLY A 35 -1.83 -13.44 2.01
C GLY A 35 -1.72 -14.42 3.16
N VAL A 36 -1.92 -15.69 2.87
CA VAL A 36 -1.78 -16.71 3.90
C VAL A 36 -0.36 -16.74 4.44
N THR A 37 0.63 -16.67 3.55
CA THR A 37 2.04 -16.68 3.98
C THR A 37 2.31 -15.52 4.95
N ALA A 38 1.89 -14.32 4.55
CA ALA A 38 2.10 -13.13 5.39
C ALA A 38 1.30 -13.20 6.70
N ALA A 39 0.05 -13.68 6.62
CA ALA A 39 -0.83 -13.76 7.82
C ALA A 39 -0.32 -14.73 8.86
N LYS A 40 0.11 -15.91 8.43
CA LYS A 40 0.65 -16.87 9.38
C LYS A 40 1.82 -16.28 10.15
N GLU A 41 2.70 -15.58 9.43
CA GLU A 41 3.87 -15.03 10.07
C GLU A 41 3.55 -13.80 10.94
N ALA A 42 2.60 -12.96 10.51
CA ALA A 42 2.18 -11.85 11.36
C ALA A 42 1.63 -12.38 12.69
N ILE A 43 0.86 -13.47 12.62
CA ILE A 43 0.28 -14.06 13.84
C ILE A 43 1.41 -14.54 14.77
N LYS A 44 2.38 -15.26 14.21
CA LYS A 44 3.52 -15.73 15.01
C LYS A 44 4.33 -14.57 15.61
N ARG A 45 4.51 -13.50 14.84
CA ARG A 45 5.25 -12.32 15.30
C ARG A 45 4.54 -11.54 16.41
N ALA A 46 3.25 -11.87 16.66
CA ALA A 46 2.48 -11.30 17.77
C ALA A 46 2.45 -12.19 18.99
N ASN A 47 3.09 -13.37 18.95
CA ASN A 47 3.04 -14.31 20.06
C ASN A 47 1.62 -14.70 20.43
N ILE A 48 0.79 -14.89 19.40
CA ILE A 48 -0.55 -15.43 19.58
C ILE A 48 -0.75 -16.61 18.63
N THR A 49 -1.86 -17.31 18.84
CA THR A 49 -2.29 -18.38 17.95
C THR A 49 -3.51 -17.91 17.12
N PRO A 50 -3.76 -18.55 15.98
CA PRO A 50 -4.84 -18.09 15.11
C PRO A 50 -6.23 -18.03 15.74
N ASP A 51 -6.49 -18.93 16.68
N ASP A 51 -6.48 -18.92 16.70
CA ASP A 51 -7.77 -18.93 17.40
CA ASP A 51 -7.77 -18.94 17.41
C ASP A 51 -8.02 -17.70 18.24
C ASP A 51 -7.98 -17.76 18.35
N MET A 52 -6.96 -16.91 18.50
CA MET A 52 -7.07 -15.69 19.28
C MET A 52 -7.53 -14.48 18.44
N ILE A 53 -7.54 -14.61 17.11
CA ILE A 53 -8.07 -13.58 16.23
C ILE A 53 -9.59 -13.58 16.36
N ASP A 54 -10.17 -12.41 16.60
CA ASP A 54 -11.64 -12.27 16.69
C ASP A 54 -12.29 -12.18 15.30
N GLU A 55 -11.66 -11.44 14.39
CA GLU A 55 -12.16 -11.28 13.02
C GLU A 55 -11.05 -10.72 12.17
N SER A 56 -11.22 -10.84 10.87
CA SER A 56 -10.27 -10.37 9.87
C SER A 56 -10.92 -9.36 8.93
N LEU A 57 -10.16 -8.32 8.59
CA LEU A 57 -10.64 -7.26 7.70
C LEU A 57 -9.48 -6.97 6.78
N LEU A 58 -9.63 -7.29 5.50
CA LEU A 58 -8.50 -7.28 4.57
C LEU A 58 -8.83 -6.58 3.27
N GLY A 59 -7.87 -5.80 2.76
CA GLY A 59 -8.01 -5.17 1.47
C GLY A 59 -7.68 -6.06 0.30
N GLY A 60 -8.39 -5.86 -0.80
CA GLY A 60 -8.10 -6.52 -2.07
C GLY A 60 -8.98 -5.90 -3.12
N VAL A 61 -8.42 -5.57 -4.29
CA VAL A 61 -9.13 -4.81 -5.30
C VAL A 61 -9.51 -5.66 -6.52
N LEU A 62 -8.51 -6.28 -7.13
CA LEU A 62 -8.68 -7.04 -8.38
C LEU A 62 -8.99 -8.48 -8.05
N THR A 63 -10.23 -8.71 -7.58
CA THR A 63 -10.60 -10.01 -7.00
C THR A 63 -11.47 -10.88 -7.94
N ALA A 64 -11.55 -10.48 -9.22
CA ALA A 64 -12.39 -11.24 -10.15
C ALA A 64 -11.81 -12.64 -10.34
N GLY A 65 -12.69 -13.65 -10.24
CA GLY A 65 -12.35 -15.03 -10.49
C GLY A 65 -11.65 -15.71 -9.35
N LEU A 66 -11.44 -15.01 -8.23
CA LEU A 66 -10.75 -15.59 -7.08
C LEU A 66 -11.64 -16.39 -6.14
N GLY A 67 -12.94 -16.40 -6.42
CA GLY A 67 -13.89 -17.07 -5.56
C GLY A 67 -14.42 -16.12 -4.51
N GLN A 68 -15.36 -16.59 -3.70
CA GLN A 68 -16.00 -15.75 -2.68
C GLN A 68 -14.95 -15.19 -1.69
N ASN A 69 -15.01 -13.89 -1.50
CA ASN A 69 -14.44 -13.20 -0.30
C ASN A 69 -13.03 -13.63 0.06
N ILE A 70 -12.04 -13.08 -0.63
N ILE A 70 -12.06 -13.04 -0.63
CA ILE A 70 -10.66 -13.53 -0.38
CA ILE A 70 -10.65 -13.39 -0.44
C ILE A 70 -10.18 -13.28 1.05
C ILE A 70 -10.23 -13.30 1.03
N ALA A 71 -10.78 -12.33 1.79
CA ALA A 71 -10.40 -12.23 3.21
C ALA A 71 -10.68 -13.50 3.99
N ARG A 72 -11.84 -14.10 3.73
CA ARG A 72 -12.21 -15.38 4.36
C ARG A 72 -11.26 -16.49 3.94
N GLN A 73 -10.88 -16.49 2.67
CA GLN A 73 -9.91 -17.48 2.19
C GLN A 73 -8.56 -17.38 2.90
N ILE A 74 -8.09 -16.14 3.06
CA ILE A 74 -6.82 -15.90 3.76
C ILE A 74 -6.94 -16.31 5.21
N ALA A 75 -8.03 -15.92 5.88
CA ALA A 75 -8.21 -16.26 7.28
C ALA A 75 -8.22 -17.75 7.52
N LEU A 76 -9.02 -18.48 6.76
CA LEU A 76 -9.10 -19.91 6.94
C LEU A 76 -7.79 -20.58 6.56
N GLY A 77 -7.15 -20.11 5.50
CA GLY A 77 -5.85 -20.67 5.10
C GLY A 77 -4.76 -20.47 6.13
N ALA A 78 -4.87 -19.39 6.91
CA ALA A 78 -3.91 -19.10 7.99
C ALA A 78 -4.23 -19.85 9.27
N GLY A 79 -5.30 -20.64 9.27
CA GLY A 79 -5.67 -21.44 10.42
C GLY A 79 -6.62 -20.75 11.39
N ILE A 80 -7.16 -19.58 11.07
CA ILE A 80 -8.12 -18.95 11.95
C ILE A 80 -9.43 -19.80 11.93
N PRO A 81 -10.02 -20.07 13.11
CA PRO A 81 -11.21 -20.93 13.10
C PRO A 81 -12.35 -20.43 12.24
N VAL A 82 -13.17 -21.37 11.79
CA VAL A 82 -14.33 -21.04 10.97
C VAL A 82 -15.30 -20.11 11.69
N GLU A 83 -15.31 -20.11 13.02
CA GLU A 83 -16.22 -19.24 13.78
C GLU A 83 -15.91 -17.77 13.65
N LYS A 84 -14.68 -17.41 13.26
CA LYS A 84 -14.29 -15.99 13.24
C LYS A 84 -14.65 -15.38 11.88
N PRO A 85 -15.39 -14.26 11.88
CA PRO A 85 -15.74 -13.63 10.60
C PRO A 85 -14.56 -13.04 9.87
N ALA A 86 -14.75 -12.84 8.58
CA ALA A 86 -13.74 -12.22 7.70
C ALA A 86 -14.44 -11.51 6.56
N MET A 87 -13.95 -10.32 6.21
CA MET A 87 -14.56 -9.46 5.20
C MET A 87 -13.48 -8.76 4.38
N THR A 88 -13.74 -8.64 3.08
CA THR A 88 -12.86 -7.94 2.13
C THR A 88 -13.35 -6.51 1.93
N ILE A 89 -12.45 -5.55 1.88
CA ILE A 89 -12.79 -4.17 1.64
C ILE A 89 -12.08 -3.63 0.40
N ASN A 90 -12.69 -2.66 -0.25
CA ASN A 90 -12.16 -1.99 -1.43
C ASN A 90 -12.36 -0.47 -1.36
N ILE A 91 -11.29 0.20 -0.95
CA ILE A 91 -11.13 1.64 -1.16
C ILE A 91 -9.85 1.82 -2.02
N VAL A 92 -9.84 1.04 -3.10
CA VAL A 92 -8.78 1.03 -4.13
C VAL A 92 -7.39 0.99 -3.44
N CYS A 93 -6.52 1.92 -3.81
CA CYS A 93 -5.14 1.99 -3.36
C CYS A 93 -5.01 2.11 -1.85
N GLY A 94 -6.05 2.59 -1.17
CA GLY A 94 -5.99 2.75 0.28
C GLY A 94 -6.38 1.54 1.08
N SER A 95 -6.83 0.46 0.42
CA SER A 95 -7.48 -0.65 1.11
C SER A 95 -6.62 -1.27 2.18
N GLY A 96 -5.33 -1.46 1.91
CA GLY A 96 -4.48 -2.17 2.88
C GLY A 96 -4.19 -1.37 4.14
N LEU A 97 -4.29 -0.04 4.06
CA LEU A 97 -4.13 0.83 5.23
C LEU A 97 -5.46 1.10 5.95
N ARG A 98 -6.54 1.32 5.21
N ARG A 98 -6.53 1.32 5.17
CA ARG A 98 -7.79 1.58 5.90
CA ARG A 98 -7.86 1.57 5.75
C ARG A 98 -8.31 0.34 6.60
C ARG A 98 -8.33 0.35 6.54
N SER A 99 -7.91 -0.85 6.16
CA SER A 99 -8.27 -2.05 6.92
C SER A 99 -7.72 -1.91 8.37
N VAL A 100 -6.54 -1.35 8.50
CA VAL A 100 -5.89 -1.18 9.80
C VAL A 100 -6.62 -0.15 10.65
N SER A 101 -6.89 1.02 10.09
CA SER A 101 -7.60 2.07 10.83
C SER A 101 -9.03 1.66 11.17
N MET A 102 -9.73 1.03 10.24
N MET A 102 -9.74 1.03 10.24
CA MET A 102 -11.09 0.60 10.49
CA MET A 102 -11.11 0.63 10.52
C MET A 102 -11.15 -0.47 11.58
C MET A 102 -11.17 -0.48 11.56
N ALA A 103 -10.24 -1.45 11.53
CA ALA A 103 -10.16 -2.42 12.58
C ALA A 103 -9.91 -1.72 13.93
N SER A 104 -9.08 -0.69 13.92
CA SER A 104 -8.81 0.03 15.16
C SER A 104 -10.08 0.70 15.72
N GLN A 105 -10.95 1.19 14.83
CA GLN A 105 -12.24 1.75 15.21
C GLN A 105 -13.07 0.69 15.94
N LEU A 106 -13.16 -0.51 15.37
CA LEU A 106 -13.95 -1.59 15.96
C LEU A 106 -13.41 -2.01 17.32
N ILE A 107 -12.08 -2.06 17.42
CA ILE A 107 -11.42 -2.46 18.68
C ILE A 107 -11.59 -1.35 19.72
N ALA A 108 -11.44 -0.09 19.34
CA ALA A 108 -11.60 1.06 20.26
C ALA A 108 -13.01 1.04 20.87
N LEU A 109 -13.99 0.69 20.05
CA LEU A 109 -15.40 0.62 20.48
C LEU A 109 -15.68 -0.54 21.43
N GLY A 110 -14.82 -1.55 21.41
CA GLY A 110 -14.94 -2.74 22.21
C GLY A 110 -15.55 -3.96 21.57
N ASP A 111 -15.79 -3.90 20.26
CA ASP A 111 -16.46 -5.00 19.58
C ASP A 111 -15.53 -6.10 19.06
N ALA A 112 -14.23 -5.86 19.14
CA ALA A 112 -13.17 -6.85 18.86
C ALA A 112 -12.03 -6.52 19.82
N ASP A 113 -11.25 -7.55 20.18
CA ASP A 113 -10.01 -7.35 20.95
C ASP A 113 -8.75 -7.48 20.08
N ILE A 114 -8.79 -8.41 19.13
CA ILE A 114 -7.62 -8.77 18.31
C ILE A 114 -8.14 -9.00 16.88
N MET A 115 -7.51 -8.36 15.89
CA MET A 115 -7.90 -8.56 14.48
C MET A 115 -6.67 -8.76 13.60
N LEU A 116 -6.88 -9.54 12.52
CA LEU A 116 -5.96 -9.66 11.40
C LEU A 116 -6.37 -8.64 10.34
N VAL A 117 -5.42 -7.80 9.93
CA VAL A 117 -5.65 -6.72 8.99
C VAL A 117 -4.53 -6.70 7.95
N GLY A 118 -4.68 -5.85 6.94
CA GLY A 118 -3.72 -5.69 5.86
C GLY A 118 -4.36 -5.84 4.51
N GLY A 119 -3.63 -6.37 3.55
CA GLY A 119 -4.18 -6.53 2.20
C GLY A 119 -3.32 -7.44 1.35
N ALA A 120 -3.91 -7.89 0.25
CA ALA A 120 -3.25 -8.80 -0.68
C ALA A 120 -3.69 -8.45 -2.10
N GLU A 121 -2.76 -8.56 -3.06
CA GLU A 121 -3.07 -8.23 -4.43
C GLU A 121 -2.15 -9.00 -5.37
N ASN A 122 -2.75 -9.62 -6.37
CA ASN A 122 -1.96 -10.22 -7.47
C ASN A 122 -2.47 -9.65 -8.79
N MET A 123 -1.77 -8.63 -9.26
CA MET A 123 -2.13 -7.92 -10.50
C MET A 123 -1.82 -8.82 -11.71
N SER A 124 -0.71 -9.56 -11.68
CA SER A 124 -0.37 -10.47 -12.77
C SER A 124 -1.51 -11.43 -13.10
N MET A 125 -2.15 -11.97 -12.07
CA MET A 125 -3.17 -12.98 -12.20
C MET A 125 -4.58 -12.45 -12.38
N SER A 126 -4.74 -11.13 -12.39
CA SER A 126 -6.06 -10.55 -12.60
C SER A 126 -6.50 -10.85 -14.05
N PRO A 127 -7.79 -11.16 -14.26
CA PRO A 127 -8.23 -11.68 -15.55
C PRO A 127 -8.74 -10.62 -16.51
N TYR A 128 -8.93 -11.07 -17.75
CA TYR A 128 -9.71 -10.34 -18.72
C TYR A 128 -11.17 -10.73 -18.57
N LEU A 129 -12.03 -9.79 -19.00
N LEU A 129 -12.06 -9.83 -18.95
CA LEU A 129 -13.49 -9.83 -18.85
CA LEU A 129 -13.48 -10.09 -18.86
C LEU A 129 -14.18 -9.73 -20.21
C LEU A 129 -14.20 -9.73 -20.16
N VAL A 130 -15.34 -10.40 -20.35
CA VAL A 130 -16.12 -10.31 -21.56
C VAL A 130 -17.55 -9.88 -21.16
N PRO A 131 -17.81 -8.56 -21.20
CA PRO A 131 -19.12 -8.09 -20.75
C PRO A 131 -20.29 -8.66 -21.53
N SER A 132 -20.10 -8.94 -22.82
CA SER A 132 -21.21 -9.42 -23.68
C SER A 132 -21.40 -10.93 -23.62
N ALA A 133 -20.61 -11.66 -22.83
CA ALA A 133 -20.61 -13.12 -22.90
C ALA A 133 -21.93 -13.75 -22.43
N ARG A 134 -22.60 -13.16 -21.44
CA ARG A 134 -23.77 -13.83 -20.89
C ARG A 134 -24.92 -13.88 -21.91
N TYR A 135 -25.22 -12.74 -22.52
CA TYR A 135 -26.39 -12.61 -23.41
C TYR A 135 -26.02 -12.47 -24.86
N GLY A 136 -24.74 -12.39 -25.18
CA GLY A 136 -24.23 -12.41 -26.53
C GLY A 136 -23.82 -11.08 -27.10
N ALA A 137 -22.85 -11.11 -28.03
CA ALA A 137 -22.37 -9.94 -28.78
C ALA A 137 -23.24 -9.66 -30.00
N ARG A 138 -24.00 -10.67 -30.47
CA ARG A 138 -25.00 -10.55 -31.56
C ARG A 138 -24.42 -10.41 -32.98
N MET A 139 -23.60 -9.40 -33.19
CA MET A 139 -22.96 -9.19 -34.47
C MET A 139 -21.90 -8.11 -34.27
N GLY A 140 -20.75 -8.31 -34.90
CA GLY A 140 -19.69 -7.33 -34.87
C GLY A 140 -18.79 -7.50 -33.65
N ASP A 141 -17.60 -6.91 -33.73
CA ASP A 141 -16.60 -7.12 -32.68
C ASP A 141 -17.13 -6.57 -31.35
N ALA A 142 -16.59 -7.12 -30.27
CA ALA A 142 -17.12 -6.83 -28.91
C ALA A 142 -15.96 -6.51 -27.96
N ALA A 143 -16.30 -5.94 -26.80
CA ALA A 143 -15.31 -5.59 -25.77
C ALA A 143 -14.67 -6.80 -25.10
N PHE A 144 -13.36 -6.69 -24.85
N PHE A 144 -13.36 -6.70 -24.90
CA PHE A 144 -12.56 -7.75 -24.21
CA PHE A 144 -12.58 -7.71 -24.19
C PHE A 144 -11.55 -7.05 -23.28
C PHE A 144 -11.64 -6.91 -23.31
N VAL A 145 -11.93 -6.97 -22.02
CA VAL A 145 -11.48 -5.91 -21.09
C VAL A 145 -10.46 -6.42 -20.06
N ASP A 146 -9.34 -5.70 -19.93
CA ASP A 146 -8.34 -6.01 -18.92
C ASP A 146 -8.87 -5.50 -17.56
N SER A 147 -9.26 -6.41 -16.66
CA SER A 147 -9.85 -5.99 -15.38
C SER A 147 -8.88 -5.13 -14.57
N MET A 148 -7.58 -5.36 -14.72
CA MET A 148 -6.60 -4.56 -13.98
C MET A 148 -6.70 -3.08 -14.34
N ILE A 149 -6.79 -2.80 -15.64
CA ILE A 149 -6.92 -1.43 -16.10
C ILE A 149 -8.29 -0.85 -15.73
N LYS A 150 -9.35 -1.60 -16.01
CA LYS A 150 -10.69 -1.10 -15.82
C LYS A 150 -11.04 -0.84 -14.35
N ASP A 151 -10.70 -1.81 -13.49
CA ASP A 151 -11.14 -1.81 -12.08
C ASP A 151 -10.06 -1.30 -11.12
N GLY A 152 -8.81 -1.21 -11.59
CA GLY A 152 -7.69 -0.87 -10.73
C GLY A 152 -6.93 0.40 -11.10
N LEU A 153 -6.61 0.56 -12.37
CA LEU A 153 -5.66 1.58 -12.83
C LEU A 153 -6.23 2.71 -13.68
N SER A 154 -7.55 2.86 -13.69
CA SER A 154 -8.19 3.92 -14.44
C SER A 154 -9.27 4.58 -13.59
N ASP A 155 -9.52 5.84 -13.88
CA ASP A 155 -10.60 6.59 -13.23
C ASP A 155 -11.90 6.44 -14.02
N ILE A 156 -12.95 6.00 -13.31
CA ILE A 156 -14.21 5.68 -13.96
C ILE A 156 -15.00 6.92 -14.34
N PHE A 157 -14.82 8.01 -13.61
CA PHE A 157 -15.59 9.24 -13.83
C PHE A 157 -15.14 10.00 -15.08
N ASN A 158 -13.83 9.96 -15.33
CA ASN A 158 -13.23 10.68 -16.44
C ASN A 158 -12.76 9.79 -17.58
N ASN A 159 -12.89 8.48 -17.36
N ASN A 159 -12.81 8.47 -17.38
CA ASN A 159 -12.51 7.44 -18.31
CA ASN A 159 -12.52 7.50 -18.43
C ASN A 159 -11.11 7.71 -18.90
C ASN A 159 -11.08 7.55 -18.92
N TYR A 160 -10.13 7.71 -18.01
CA TYR A 160 -8.73 7.74 -18.39
C TYR A 160 -7.87 7.12 -17.29
N HIS A 161 -6.64 6.82 -17.64
CA HIS A 161 -5.72 6.11 -16.74
C HIS A 161 -5.42 6.96 -15.52
N MET A 162 -5.13 6.33 -14.40
N MET A 162 -5.14 6.30 -14.41
CA MET A 162 -4.61 7.05 -13.23
CA MET A 162 -4.58 6.95 -13.20
C MET A 162 -3.41 7.95 -13.57
C MET A 162 -3.42 7.91 -13.57
N GLY A 163 -2.59 7.53 -14.52
CA GLY A 163 -1.47 8.36 -14.95
C GLY A 163 -1.87 9.74 -15.48
N ILE A 164 -3.06 9.87 -16.07
CA ILE A 164 -3.55 11.16 -16.50
C ILE A 164 -3.88 12.07 -15.30
N THR A 165 -4.39 11.49 -14.20
CA THR A 165 -4.59 12.28 -12.98
C THR A 165 -3.24 12.83 -12.48
N ALA A 166 -2.16 12.07 -12.70
CA ALA A 166 -0.80 12.55 -12.33
C ALA A 166 -0.37 13.69 -13.24
N GLU A 167 -0.68 13.58 -14.53
CA GLU A 167 -0.43 14.69 -15.46
C GLU A 167 -1.20 15.96 -15.04
N ASN A 168 -2.43 15.77 -14.59
CA ASN A 168 -3.23 16.91 -14.15
C ASN A 168 -2.55 17.66 -13.00
N ILE A 169 -2.00 16.91 -12.05
CA ILE A 169 -1.28 17.51 -10.95
C ILE A 169 0.03 18.14 -11.43
N ALA A 170 0.77 17.47 -12.31
CA ALA A 170 2.03 18.04 -12.86
C ALA A 170 1.77 19.42 -13.46
N GLU A 171 0.66 19.52 -14.19
CA GLU A 171 0.30 20.78 -14.87
C GLU A 171 -0.13 21.85 -13.85
N GLN A 172 -1.01 21.48 -12.93
CA GLN A 172 -1.61 22.47 -12.02
C GLN A 172 -0.65 22.94 -10.92
N TRP A 173 0.25 22.06 -10.49
CA TRP A 173 1.25 22.35 -9.45
C TRP A 173 2.60 22.72 -10.03
N ASN A 174 2.72 22.71 -11.34
CA ASN A 174 4.00 23.02 -12.03
C ASN A 174 5.15 22.13 -11.56
N ILE A 175 4.93 20.84 -11.69
CA ILE A 175 5.94 19.85 -11.35
C ILE A 175 6.54 19.32 -12.64
N THR A 176 7.80 19.65 -12.87
CA THR A 176 8.46 19.38 -14.12
C THR A 176 8.84 17.90 -14.26
N ARG A 177 9.06 17.50 -15.51
CA ARG A 177 9.63 16.18 -15.83
C ARG A 177 10.91 15.90 -15.02
N GLU A 178 11.82 16.87 -14.97
N GLU A 178 11.78 16.90 -15.02
CA GLU A 178 13.08 16.68 -14.25
CA GLU A 178 13.05 16.82 -14.32
C GLU A 178 12.84 16.50 -12.75
C GLU A 178 12.83 16.54 -12.81
N GLU A 179 11.87 17.24 -12.22
CA GLU A 179 11.58 17.11 -10.79
C GLU A 179 11.02 15.73 -10.48
N GLN A 180 10.19 15.22 -11.40
CA GLN A 180 9.62 13.87 -11.25
C GLN A 180 10.70 12.81 -11.35
N ASP A 181 11.61 12.98 -12.32
CA ASP A 181 12.71 12.03 -12.51
C ASP A 181 13.69 12.06 -11.33
N GLU A 182 13.90 13.24 -10.74
CA GLU A 182 14.77 13.34 -9.55
C GLU A 182 14.20 12.54 -8.39
N LEU A 183 12.88 12.61 -8.20
CA LEU A 183 12.26 11.84 -7.12
C LEU A 183 12.39 10.33 -7.41
N ALA A 184 12.13 9.95 -8.66
CA ALA A 184 12.25 8.56 -9.07
C ALA A 184 13.67 8.01 -8.85
N LEU A 185 14.67 8.78 -9.26
CA LEU A 185 16.06 8.43 -9.09
C LEU A 185 16.36 8.16 -7.62
N ALA A 186 15.95 9.10 -6.76
CA ALA A 186 16.20 8.98 -5.34
C ALA A 186 15.50 7.73 -4.76
N SER A 187 14.27 7.48 -5.23
CA SER A 187 13.54 6.29 -4.77
C SER A 187 14.33 5.00 -5.07
N GLN A 188 14.80 4.89 -6.29
CA GLN A 188 15.57 3.75 -6.72
C GLN A 188 16.86 3.61 -5.89
N ASN A 189 17.59 4.69 -5.72
CA ASN A 189 18.87 4.60 -4.99
C ASN A 189 18.67 4.34 -3.50
N LYS A 190 17.63 4.94 -2.92
CA LYS A 190 17.32 4.61 -1.52
C LYS A 190 16.95 3.14 -1.33
N ALA A 191 16.15 2.62 -2.26
CA ALA A 191 15.74 1.22 -2.20
C ALA A 191 16.92 0.26 -2.39
N GLU A 192 17.74 0.56 -3.39
N GLU A 192 17.79 0.53 -3.34
CA GLU A 192 18.98 -0.19 -3.67
CA GLU A 192 18.93 -0.36 -3.56
C GLU A 192 19.81 -0.30 -2.38
C GLU A 192 19.90 -0.32 -2.38
N LYS A 193 20.09 0.86 -1.79
CA LYS A 193 20.94 0.96 -0.60
C LYS A 193 20.33 0.23 0.57
N ALA A 194 19.05 0.45 0.82
CA ALA A 194 18.36 -0.22 1.92
C ALA A 194 18.37 -1.74 1.75
N GLN A 195 18.08 -2.19 0.54
CA GLN A 195 18.05 -3.63 0.30
C GLN A 195 19.43 -4.23 0.56
N ALA A 196 20.47 -3.61 0.01
CA ALA A 196 21.85 -4.10 0.13
C ALA A 196 22.34 -4.11 1.58
N GLU A 197 21.90 -3.12 2.38
CA GLU A 197 22.27 -3.02 3.80
C GLU A 197 21.47 -3.98 4.68
N GLY A 198 20.50 -4.69 4.09
CA GLY A 198 19.73 -5.68 4.84
C GLY A 198 18.48 -5.13 5.52
N LYS A 199 18.08 -3.90 5.19
N LYS A 199 18.12 -3.88 5.19
CA LYS A 199 17.01 -3.24 5.94
CA LYS A 199 16.99 -3.15 5.86
C LYS A 199 15.61 -3.76 5.69
C LYS A 199 15.69 -3.93 5.79
N PHE A 200 15.42 -4.60 4.66
CA PHE A 200 14.12 -5.28 4.43
C PHE A 200 14.11 -6.71 4.98
N ASP A 201 15.24 -7.16 5.53
CA ASP A 201 15.37 -8.55 5.91
C ASP A 201 14.36 -8.92 6.99
N GLU A 202 14.22 -8.07 7.98
CA GLU A 202 13.35 -8.34 9.13
C GLU A 202 11.87 -8.38 8.73
N GLU A 203 11.45 -7.43 7.91
CA GLU A 203 10.01 -7.31 7.65
C GLU A 203 9.47 -8.39 6.68
N ILE A 204 10.31 -8.83 5.76
CA ILE A 204 9.90 -9.78 4.75
C ILE A 204 9.75 -11.19 5.36
N VAL A 205 8.72 -11.91 4.92
CA VAL A 205 8.58 -13.34 5.14
C VAL A 205 8.78 -14.01 3.78
N PRO A 206 9.64 -15.04 3.72
CA PRO A 206 9.82 -15.71 2.43
C PRO A 206 8.55 -16.44 1.94
N VAL A 207 8.39 -16.46 0.63
CA VAL A 207 7.35 -17.25 -0.02
C VAL A 207 8.06 -18.45 -0.63
N VAL A 208 7.55 -19.63 -0.30
CA VAL A 208 8.13 -20.87 -0.78
C VAL A 208 7.21 -21.43 -1.86
N ILE A 209 7.77 -21.59 -3.06
CA ILE A 209 7.07 -22.14 -4.21
C ILE A 209 7.59 -23.56 -4.46
N LYS A 210 6.70 -24.54 -4.34
CA LYS A 210 7.05 -25.95 -4.51
C LYS A 210 7.04 -26.35 -5.99
N ASP A 215 12.18 -26.72 -4.74
CA ASP A 215 11.51 -25.49 -4.27
C ASP A 215 12.24 -24.17 -4.59
N THR A 216 11.46 -23.13 -4.84
CA THR A 216 11.97 -21.79 -5.11
C THR A 216 11.56 -20.91 -3.91
N VAL A 217 12.51 -20.17 -3.36
CA VAL A 217 12.26 -19.23 -2.26
C VAL A 217 12.33 -17.82 -2.80
N VAL A 218 11.24 -17.07 -2.61
CA VAL A 218 11.22 -15.66 -2.99
C VAL A 218 11.29 -14.80 -1.73
N ASP A 219 12.39 -14.07 -1.55
CA ASP A 219 12.60 -13.24 -0.35
C ASP A 219 13.20 -11.87 -0.63
N LYS A 220 13.33 -11.50 -1.89
N LYS A 220 13.20 -11.48 -1.89
N LYS A 220 13.24 -11.50 -1.90
CA LYS A 220 13.81 -10.16 -2.22
CA LYS A 220 13.83 -10.24 -2.33
CA LYS A 220 13.79 -10.19 -2.26
C LYS A 220 12.83 -9.44 -3.11
C LYS A 220 12.84 -9.43 -3.18
C LYS A 220 12.81 -9.43 -3.13
N ASP A 221 12.70 -8.13 -2.87
CA ASP A 221 11.87 -7.22 -3.69
C ASP A 221 12.46 -7.18 -5.10
N GLU A 222 11.68 -7.65 -6.06
CA GLU A 222 12.09 -7.90 -7.43
C GLU A 222 12.20 -6.68 -8.31
N TYR A 223 11.42 -5.67 -7.99
CA TYR A 223 11.19 -4.57 -8.91
C TYR A 223 12.24 -3.48 -8.87
N ILE A 224 13.03 -3.43 -7.79
CA ILE A 224 14.05 -2.41 -7.65
C ILE A 224 15.03 -2.49 -8.84
N LYS A 225 15.37 -1.32 -9.39
CA LYS A 225 16.28 -1.20 -10.55
C LYS A 225 17.61 -0.56 -10.14
N PRO A 226 18.59 -1.36 -9.72
CA PRO A 226 19.87 -0.75 -9.31
C PRO A 226 20.55 -0.06 -10.47
N GLY A 227 21.41 0.90 -10.20
CA GLY A 227 22.01 1.64 -11.35
C GLY A 227 21.04 2.36 -12.32
N THR A 228 19.85 2.69 -11.83
CA THR A 228 19.04 3.73 -12.44
C THR A 228 19.90 4.97 -12.47
N THR A 229 19.76 5.76 -13.53
CA THR A 229 20.43 7.06 -13.62
C THR A 229 19.50 8.10 -14.22
N MET A 230 19.84 9.38 -14.03
N MET A 230 19.84 9.38 -14.02
CA MET A 230 19.06 10.45 -14.62
CA MET A 230 19.08 10.48 -14.64
C MET A 230 19.10 10.40 -16.14
C MET A 230 19.09 10.34 -16.15
N GLU A 231 20.24 10.01 -16.70
CA GLU A 231 20.38 9.88 -18.15
C GLU A 231 19.38 8.87 -18.71
N LYS A 232 19.29 7.72 -18.05
CA LYS A 232 18.34 6.68 -18.47
C LYS A 232 16.90 7.16 -18.31
N LEU A 233 16.59 7.77 -17.17
CA LEU A 233 15.22 8.24 -16.93
C LEU A 233 14.80 9.29 -17.91
N ALA A 234 15.73 10.19 -18.26
CA ALA A 234 15.41 11.27 -19.15
C ALA A 234 15.09 10.83 -20.57
N LYS A 235 15.58 9.65 -20.99
CA LYS A 235 15.34 9.11 -22.34
C LYS A 235 13.98 8.45 -22.50
N LEU A 236 13.31 8.14 -21.40
CA LEU A 236 12.04 7.44 -21.47
C LEU A 236 10.96 8.31 -22.14
N ARG A 237 10.07 7.65 -22.87
CA ARG A 237 8.93 8.31 -23.49
C ARG A 237 7.76 8.46 -22.50
N PRO A 238 6.94 9.50 -22.66
CA PRO A 238 5.75 9.61 -21.81
C PRO A 238 4.87 8.38 -21.97
N ALA A 239 4.31 7.90 -20.87
CA ALA A 239 3.58 6.62 -20.86
C ALA A 239 2.09 6.78 -21.13
N PHE A 240 1.53 7.98 -20.87
CA PHE A 240 0.06 8.14 -20.77
C PHE A 240 -0.52 9.21 -21.68
N LYS A 241 0.28 10.21 -22.01
CA LYS A 241 -0.16 11.40 -22.74
C LYS A 241 0.96 11.78 -23.70
N LYS A 242 0.61 12.07 -24.95
CA LYS A 242 1.53 12.63 -25.90
C LYS A 242 2.10 13.93 -25.33
N ASP A 243 3.41 14.05 -25.38
CA ASP A 243 4.11 15.24 -24.87
C ASP A 243 3.94 15.46 -23.36
N GLY A 244 3.62 14.37 -22.66
CA GLY A 244 3.48 14.37 -21.22
C GLY A 244 4.80 14.38 -20.47
N THR A 245 4.67 14.24 -19.17
CA THR A 245 5.79 14.23 -18.22
C THR A 245 5.94 12.92 -17.46
N VAL A 246 4.85 12.15 -17.38
CA VAL A 246 4.82 10.92 -16.59
C VAL A 246 5.25 9.75 -17.49
N THR A 247 6.23 8.99 -17.00
CA THR A 247 6.80 7.88 -17.74
C THR A 247 6.73 6.61 -16.89
N ALA A 248 7.05 5.48 -17.49
CA ALA A 248 7.13 4.23 -16.72
C ALA A 248 8.18 4.34 -15.61
N GLY A 249 9.21 5.13 -15.86
CA GLY A 249 10.29 5.30 -14.88
C GLY A 249 9.97 6.18 -13.68
N ASN A 250 9.02 7.11 -13.85
CA ASN A 250 8.67 7.98 -12.74
C ASN A 250 7.25 7.75 -12.19
N ALA A 251 6.69 6.61 -12.59
CA ALA A 251 5.41 6.07 -12.12
C ALA A 251 5.67 4.81 -11.30
N SER A 252 4.75 4.51 -10.40
CA SER A 252 4.74 3.23 -9.71
C SER A 252 4.67 2.06 -10.67
N GLY A 253 5.11 0.91 -10.19
CA GLY A 253 4.97 -0.31 -10.95
C GLY A 253 3.61 -0.96 -10.77
N ILE A 254 3.37 -1.95 -11.63
CA ILE A 254 2.34 -2.97 -11.49
C ILE A 254 2.98 -4.17 -10.82
N ASN A 255 2.40 -4.68 -9.74
CA ASN A 255 3.09 -5.60 -8.85
C ASN A 255 2.17 -6.49 -8.06
N ASP A 256 2.75 -7.52 -7.43
CA ASP A 256 2.06 -8.58 -6.67
C ASP A 256 2.65 -8.66 -5.27
N GLY A 257 1.81 -8.81 -4.26
CA GLY A 257 2.32 -8.94 -2.91
C GLY A 257 1.21 -9.00 -1.89
N ALA A 258 1.58 -9.33 -0.65
CA ALA A 258 0.65 -9.24 0.48
C ALA A 258 1.40 -8.69 1.71
N ALA A 259 0.65 -8.06 2.60
CA ALA A 259 1.21 -7.55 3.85
C ALA A 259 0.11 -7.63 4.90
N MET A 260 0.44 -8.19 6.05
CA MET A 260 -0.52 -8.50 7.11
C MET A 260 -0.01 -8.01 8.45
N LEU A 261 -0.93 -7.56 9.29
CA LEU A 261 -0.64 -7.06 10.62
C LEU A 261 -1.64 -7.60 11.61
N VAL A 262 -1.23 -7.67 12.87
CA VAL A 262 -2.14 -7.95 13.96
C VAL A 262 -2.30 -6.68 14.76
N VAL A 263 -3.56 -6.25 14.92
CA VAL A 263 -3.92 -5.14 15.77
C VAL A 263 -4.69 -5.63 16.97
N MET A 264 -4.53 -4.97 18.11
CA MET A 264 -5.25 -5.37 19.31
C MET A 264 -5.37 -4.23 20.30
N ALA A 265 -6.32 -4.34 21.21
CA ALA A 265 -6.46 -3.34 22.26
C ALA A 265 -5.12 -3.27 23.01
N LYS A 266 -4.72 -2.06 23.39
CA LYS A 266 -3.52 -1.85 24.22
C LYS A 266 -3.58 -2.72 25.47
N GLU A 267 -4.75 -2.78 26.14
CA GLU A 267 -4.87 -3.57 27.37
C GLU A 267 -4.71 -5.06 27.12
N LYS A 268 -5.08 -5.53 25.94
CA LYS A 268 -4.92 -6.93 25.58
C LYS A 268 -3.43 -7.24 25.33
N ALA A 269 -2.73 -6.36 24.63
CA ALA A 269 -1.28 -6.55 24.48
C ALA A 269 -0.60 -6.58 25.84
N GLU A 270 -1.02 -5.73 26.77
CA GLU A 270 -0.43 -5.74 28.11
C GLU A 270 -0.67 -7.09 28.77
N GLU A 271 -1.92 -7.53 28.78
CA GLU A 271 -2.29 -8.83 29.37
C GLU A 271 -1.43 -9.99 28.87
N LEU A 272 -1.19 -9.99 27.57
CA LEU A 272 -0.50 -11.07 26.91
C LEU A 272 1.03 -10.93 26.95
N GLY A 273 1.52 -9.78 27.43
CA GLY A 273 2.97 -9.50 27.44
C GLY A 273 3.56 -9.33 26.06
N ILE A 274 2.81 -8.69 25.16
CA ILE A 274 3.23 -8.41 23.81
C ILE A 274 3.84 -7.02 23.78
N GLU A 275 5.04 -6.91 23.24
CA GLU A 275 5.65 -5.61 22.96
C GLU A 275 5.23 -5.16 21.57
N PRO A 276 4.37 -4.14 21.46
CA PRO A 276 3.86 -3.81 20.14
C PRO A 276 4.87 -3.03 19.29
N LEU A 277 4.70 -3.10 17.98
CA LEU A 277 5.47 -2.25 17.08
C LEU A 277 5.19 -0.76 17.30
N ALA A 278 3.93 -0.42 17.59
CA ALA A 278 3.52 0.95 17.78
C ALA A 278 2.10 1.00 18.32
N THR A 279 1.74 2.15 18.86
CA THR A 279 0.39 2.48 19.25
C THR A 279 -0.22 3.38 18.13
N ILE A 280 -1.50 3.13 17.79
CA ILE A 280 -2.21 3.97 16.87
C ILE A 280 -2.59 5.29 17.59
N VAL A 281 -2.23 6.43 16.97
CA VAL A 281 -2.54 7.74 17.50
C VAL A 281 -3.83 8.28 16.88
N SER A 282 -3.89 8.27 15.55
N SER A 282 -3.88 8.24 15.55
CA SER A 282 -5.08 8.78 14.85
CA SER A 282 -4.95 8.89 14.81
C SER A 282 -5.06 8.31 13.40
C SER A 282 -5.03 8.34 13.38
N TYR A 283 -6.09 8.70 12.69
CA TYR A 283 -6.29 8.32 11.29
C TYR A 283 -7.18 9.35 10.63
N GLY A 284 -7.23 9.33 9.32
CA GLY A 284 -8.15 10.14 8.58
C GLY A 284 -8.27 9.67 7.14
N THR A 285 -9.48 9.78 6.61
CA THR A 285 -9.76 9.48 5.21
C THR A 285 -10.56 10.68 4.69
N ALA A 286 -10.22 11.15 3.50
CA ALA A 286 -10.78 12.37 2.93
C ALA A 286 -10.82 12.26 1.45
N GLY A 287 -11.63 13.11 0.83
CA GLY A 287 -11.81 13.14 -0.61
C GLY A 287 -11.34 14.41 -1.28
N VAL A 288 -11.05 14.28 -2.58
CA VAL A 288 -10.73 15.37 -3.50
C VAL A 288 -11.41 15.02 -4.84
N ASP A 289 -11.35 15.96 -5.80
CA ASP A 289 -11.87 15.65 -7.12
C ASP A 289 -11.14 14.44 -7.72
N PRO A 290 -11.86 13.50 -8.35
CA PRO A 290 -11.21 12.37 -9.04
C PRO A 290 -10.06 12.79 -9.97
N LYS A 291 -10.18 13.93 -10.62
CA LYS A 291 -9.16 14.40 -11.58
C LYS A 291 -7.78 14.62 -10.97
N ILE A 292 -7.76 14.89 -9.66
CA ILE A 292 -6.52 15.18 -8.94
C ILE A 292 -6.36 14.22 -7.74
N MET A 293 -6.70 12.94 -7.93
CA MET A 293 -6.73 11.95 -6.87
C MET A 293 -5.41 11.87 -6.11
N GLY A 294 -4.29 12.12 -6.80
CA GLY A 294 -2.98 12.03 -6.19
C GLY A 294 -2.75 13.01 -5.05
N TYR A 295 -3.62 14.02 -4.94
CA TYR A 295 -3.57 15.01 -3.87
C TYR A 295 -4.29 14.56 -2.60
N GLY A 296 -5.06 13.47 -2.67
CA GLY A 296 -5.78 12.96 -1.53
C GLY A 296 -5.07 12.92 -0.20
N PRO A 297 -3.77 12.55 -0.19
CA PRO A 297 -3.07 12.51 1.10
C PRO A 297 -3.05 13.81 1.88
N VAL A 298 -3.18 14.96 1.19
CA VAL A 298 -3.08 16.23 1.86
C VAL A 298 -4.27 16.45 2.82
N PRO A 299 -5.53 16.44 2.34
CA PRO A 299 -6.62 16.59 3.31
C PRO A 299 -6.71 15.43 4.29
N ALA A 300 -6.39 14.21 3.86
CA ALA A 300 -6.44 13.06 4.78
C ALA A 300 -5.46 13.22 5.94
N THR A 301 -4.26 13.70 5.61
CA THR A 301 -3.22 13.88 6.59
C THR A 301 -3.52 15.06 7.50
N LYS A 302 -4.01 16.17 6.95
CA LYS A 302 -4.43 17.28 7.78
C LYS A 302 -5.49 16.83 8.81
N LYS A 303 -6.42 15.99 8.36
CA LYS A 303 -7.47 15.50 9.25
C LYS A 303 -6.89 14.64 10.36
N ALA A 304 -6.01 13.72 9.99
CA ALA A 304 -5.37 12.86 10.97
C ALA A 304 -4.53 13.68 11.98
N LEU A 305 -3.78 14.67 11.48
CA LEU A 305 -2.94 15.48 12.38
C LEU A 305 -3.80 16.26 13.35
N GLU A 306 -4.87 16.88 12.84
N GLU A 306 -4.90 16.83 12.85
CA GLU A 306 -5.80 17.60 13.70
CA GLU A 306 -5.80 17.58 13.73
C GLU A 306 -6.38 16.72 14.81
C GLU A 306 -6.37 16.70 14.83
N ALA A 307 -6.77 15.50 14.44
CA ALA A 307 -7.35 14.56 15.39
C ALA A 307 -6.34 14.20 16.50
N ALA A 308 -5.05 14.18 16.15
CA ALA A 308 -3.94 13.87 17.06
C ALA A 308 -3.43 15.08 17.86
N ASN A 309 -3.94 16.27 17.53
N ASN A 309 -3.99 16.28 17.61
CA ASN A 309 -3.42 17.54 18.08
CA ASN A 309 -3.39 17.52 18.13
C ASN A 309 -1.93 17.76 17.75
C ASN A 309 -1.88 17.53 17.83
N MET A 310 -1.56 17.29 16.56
CA MET A 310 -0.19 17.34 16.05
C MET A 310 -0.11 18.23 14.82
N THR A 311 1.13 18.59 14.51
CA THR A 311 1.48 19.15 13.21
C THR A 311 2.53 18.24 12.58
N ILE A 312 2.82 18.49 11.31
CA ILE A 312 3.79 17.69 10.59
C ILE A 312 5.16 17.73 11.28
N GLU A 313 5.42 18.82 12.00
N GLU A 313 5.47 18.81 11.98
CA GLU A 313 6.67 18.98 12.75
CA GLU A 313 6.77 18.86 12.65
C GLU A 313 6.85 17.98 13.90
C GLU A 313 6.89 17.84 13.80
N ASP A 314 5.76 17.37 14.33
CA ASP A 314 5.76 16.34 15.36
C ASP A 314 6.05 14.93 14.84
N ILE A 315 6.13 14.78 13.53
CA ILE A 315 6.28 13.48 12.88
C ILE A 315 7.76 13.22 12.53
N ASP A 316 8.27 12.08 12.98
CA ASP A 316 9.70 11.74 12.76
C ASP A 316 9.97 11.04 11.44
N LEU A 317 9.00 10.29 10.94
CA LEU A 317 9.19 9.46 9.73
C LEU A 317 7.86 9.33 8.98
N VAL A 318 7.94 9.47 7.65
CA VAL A 318 6.75 9.37 6.78
C VAL A 318 6.94 8.30 5.71
N GLU A 319 5.89 7.52 5.48
CA GLU A 319 5.72 6.69 4.28
C GLU A 319 4.55 7.30 3.52
N ALA A 320 4.80 7.83 2.34
CA ALA A 320 3.76 8.40 1.48
C ALA A 320 3.85 7.66 0.15
N ASN A 321 2.81 6.89 -0.20
CA ASN A 321 2.97 5.97 -1.33
C ASN A 321 3.24 6.72 -2.60
N GLU A 322 4.23 6.22 -3.34
CA GLU A 322 4.65 6.88 -4.59
C GLU A 322 3.86 6.33 -5.78
N ALA A 323 2.57 6.69 -5.85
CA ALA A 323 1.78 6.27 -7.01
C ALA A 323 2.38 6.83 -8.31
N PHE A 324 2.72 8.10 -8.29
CA PHE A 324 3.37 8.77 -9.41
C PHE A 324 4.26 9.86 -8.83
N ALA A 325 5.47 10.02 -9.33
CA ALA A 325 6.32 11.10 -8.82
C ALA A 325 5.59 12.45 -8.82
N ALA A 326 4.82 12.73 -9.89
CA ALA A 326 4.14 14.02 -9.99
C ALA A 326 3.28 14.30 -8.76
N GLN A 327 2.46 13.32 -8.37
CA GLN A 327 1.61 13.52 -7.20
C GLN A 327 2.43 13.53 -5.90
N SER A 328 3.45 12.68 -5.83
CA SER A 328 4.25 12.59 -4.62
C SER A 328 4.95 13.90 -4.29
N VAL A 329 5.45 14.61 -5.32
CA VAL A 329 6.11 15.92 -5.12
C VAL A 329 5.10 16.92 -4.58
N ALA A 330 3.90 16.94 -5.16
CA ALA A 330 2.85 17.87 -4.72
C ALA A 330 2.48 17.65 -3.25
N VAL A 331 2.36 16.38 -2.85
CA VAL A 331 1.98 16.02 -1.48
C VAL A 331 3.07 16.47 -0.51
N ILE A 332 4.32 16.14 -0.82
CA ILE A 332 5.44 16.48 0.08
C ILE A 332 5.55 17.99 0.24
N ARG A 333 5.43 18.68 -0.89
N ARG A 333 5.40 18.70 -0.88
N ARG A 333 5.43 18.71 -0.85
CA ARG A 333 5.44 20.16 -0.95
CA ARG A 333 5.47 20.17 -0.91
CA ARG A 333 5.54 20.17 -0.80
C ARG A 333 4.42 20.72 0.03
C ARG A 333 4.40 20.82 -0.05
C ARG A 333 4.40 20.80 0.00
N ASP A 334 3.16 20.38 -0.23
CA ASP A 334 2.03 21.04 0.41
C ASP A 334 1.83 20.63 1.86
N LEU A 335 2.32 19.45 2.25
CA LEU A 335 2.35 19.08 3.67
C LEU A 335 3.61 19.51 4.41
N ASN A 336 4.56 20.14 3.72
CA ASN A 336 5.80 20.59 4.35
C ASN A 336 6.58 19.43 5.00
N ILE A 337 6.56 18.27 4.34
CA ILE A 337 7.29 17.09 4.80
C ILE A 337 8.80 17.29 4.54
N ASP A 338 9.52 16.69 5.49
N ASP A 338 9.75 17.07 5.46
CA ASP A 338 10.97 16.59 5.43
CA ASP A 338 11.19 17.18 5.01
C ASP A 338 11.35 15.67 4.28
C ASP A 338 11.44 16.02 4.00
N MET A 339 11.98 16.25 3.27
N MET A 339 12.00 16.31 2.83
CA MET A 339 12.13 15.59 1.97
CA MET A 339 12.04 15.34 1.75
C MET A 339 12.93 14.28 1.98
C MET A 339 12.79 14.06 2.12
N ASN A 340 13.85 14.19 2.92
CA ASN A 340 14.68 13.00 3.21
C ASN A 340 14.28 12.27 4.47
N LYS A 341 13.10 12.59 5.00
CA LYS A 341 12.48 11.83 6.09
C LYS A 341 11.19 11.15 5.59
N VAL A 342 11.09 10.93 4.27
N VAL A 342 11.00 11.14 4.25
CA VAL A 342 9.95 10.29 3.69
CA VAL A 342 9.91 10.44 3.49
C VAL A 342 10.44 9.24 2.72
C VAL A 342 10.51 9.24 2.76
N ASN A 343 9.86 8.09 2.85
CA ASN A 343 10.24 6.91 2.06
C ASN A 343 11.75 6.66 2.12
N VAL A 344 12.26 6.55 3.35
CA VAL A 344 13.70 6.60 3.56
C VAL A 344 14.44 5.37 3.04
N ASN A 345 13.71 4.27 2.81
CA ASN A 345 14.22 3.05 2.21
C ASN A 345 13.70 2.84 0.79
N GLY A 346 13.25 3.94 0.17
CA GLY A 346 12.66 3.89 -1.15
C GLY A 346 11.15 3.82 -1.12
N GLY A 347 10.53 4.04 -2.25
CA GLY A 347 9.07 3.99 -2.39
C GLY A 347 8.63 3.17 -3.58
N ALA A 348 7.32 3.26 -3.88
CA ALA A 348 6.67 2.37 -4.86
C ALA A 348 7.22 2.50 -6.28
N ILE A 349 7.87 3.60 -6.65
CA ILE A 349 8.52 3.68 -7.97
C ILE A 349 9.58 2.60 -8.12
N ALA A 350 10.30 2.35 -7.02
CA ALA A 350 11.34 1.33 -6.95
C ALA A 350 10.81 -0.04 -6.50
N ILE A 351 9.93 -0.04 -5.48
CA ILE A 351 9.55 -1.28 -4.79
C ILE A 351 8.30 -1.90 -5.40
N GLY A 352 7.42 -1.08 -5.96
CA GLY A 352 6.17 -1.53 -6.57
C GLY A 352 4.91 -1.10 -5.84
N HIS A 353 3.77 -1.27 -6.53
CA HIS A 353 2.45 -0.85 -6.04
C HIS A 353 1.42 -1.92 -6.28
N PRO A 354 1.44 -2.98 -5.46
CA PRO A 354 0.40 -4.03 -5.51
C PRO A 354 -0.87 -3.48 -4.83
N ILE A 355 -1.77 -2.89 -5.63
CA ILE A 355 -2.82 -1.95 -5.18
C ILE A 355 -3.35 -2.21 -3.76
N GLY A 356 -4.08 -3.29 -3.57
CA GLY A 356 -4.77 -3.51 -2.29
C GLY A 356 -3.88 -3.90 -1.11
N CYS A 357 -2.63 -4.29 -1.43
CA CYS A 357 -1.60 -4.55 -0.45
C CYS A 357 -0.81 -3.30 0.00
N SER A 358 -0.61 -2.35 -0.90
CA SER A 358 0.35 -1.27 -0.71
C SER A 358 0.21 -0.51 0.61
N GLY A 359 -1.03 -0.22 1.05
CA GLY A 359 -1.17 0.52 2.29
C GLY A 359 -0.59 -0.23 3.47
N ALA A 360 -0.77 -1.56 3.49
CA ALA A 360 -0.20 -2.41 4.52
C ALA A 360 1.31 -2.61 4.35
N ARG A 361 1.74 -2.63 3.09
CA ARG A 361 3.17 -2.76 2.72
C ARG A 361 3.93 -1.54 3.27
N ILE A 362 3.46 -0.34 2.96
CA ILE A 362 4.20 0.86 3.41
C ILE A 362 4.13 0.97 4.92
N LEU A 363 3.03 0.57 5.57
CA LEU A 363 2.96 0.63 7.02
C LEU A 363 3.97 -0.33 7.64
N THR A 364 4.11 -1.50 7.06
CA THR A 364 5.09 -2.48 7.53
C THR A 364 6.51 -1.93 7.47
N THR A 365 6.85 -1.32 6.33
CA THR A 365 8.17 -0.70 6.15
C THR A 365 8.38 0.44 7.16
N LEU A 366 7.34 1.27 7.35
CA LEU A 366 7.39 2.37 8.34
C LEU A 366 7.73 1.84 9.73
N LEU A 367 6.98 0.83 10.18
CA LEU A 367 7.08 0.35 11.55
C LEU A 367 8.46 -0.24 11.85
N TYR A 368 8.97 -1.04 10.90
CA TYR A 368 10.29 -1.61 11.08
C TYR A 368 11.39 -0.53 11.05
N GLU A 369 11.26 0.48 10.22
CA GLU A 369 12.26 1.56 10.17
C GLU A 369 12.18 2.43 11.44
N MET A 370 10.97 2.72 11.91
CA MET A 370 10.83 3.49 13.15
C MET A 370 11.56 2.78 14.30
N LYS A 371 11.36 1.49 14.40
CA LYS A 371 12.01 0.72 15.46
C LYS A 371 13.52 0.74 15.34
N ARG A 372 14.04 0.51 14.16
CA ARG A 372 15.49 0.53 14.04
C ARG A 372 16.16 1.87 14.26
N ARG A 373 15.50 2.96 13.89
CA ARG A 373 15.96 4.33 14.15
C ARG A 373 15.74 4.81 15.54
N ASP A 374 14.94 4.09 16.30
CA ASP A 374 14.42 4.56 17.56
C ASP A 374 13.66 5.88 17.38
N ALA A 375 12.87 5.98 16.32
CA ALA A 375 11.97 7.13 16.11
C ALA A 375 10.82 6.99 17.08
N LYS A 376 10.12 8.10 17.31
CA LYS A 376 8.97 8.13 18.22
C LYS A 376 7.62 8.16 17.50
N THR A 377 7.53 8.91 16.41
CA THR A 377 6.28 9.09 15.71
C THR A 377 6.44 8.83 14.21
N GLY A 378 5.38 8.35 13.60
CA GLY A 378 5.37 8.05 12.18
C GLY A 378 4.00 8.20 11.57
N LEU A 379 4.01 8.31 10.24
N LEU A 379 3.96 8.43 10.27
CA LEU A 379 2.80 8.59 9.48
CA LEU A 379 2.68 8.29 9.59
C LEU A 379 2.85 7.78 8.15
C LEU A 379 2.86 7.68 8.24
N ALA A 380 1.78 7.03 7.83
CA ALA A 380 1.63 6.39 6.51
C ALA A 380 0.42 7.02 5.82
N THR A 381 0.57 7.34 4.53
CA THR A 381 -0.51 7.91 3.77
C THR A 381 -0.43 7.44 2.32
N LEU A 382 -1.60 7.33 1.68
CA LEU A 382 -1.74 6.94 0.27
C LEU A 382 -2.82 7.75 -0.40
N CYS A 383 -2.59 8.07 -1.66
CA CYS A 383 -3.62 8.56 -2.56
C CYS A 383 -4.43 7.39 -3.07
N ILE A 384 -5.64 7.69 -3.54
CA ILE A 384 -6.64 6.64 -3.84
C ILE A 384 -7.41 7.02 -5.10
N GLY A 385 -7.42 6.12 -6.06
CA GLY A 385 -8.19 6.33 -7.29
C GLY A 385 -9.64 6.57 -6.96
N GLY A 386 -10.23 7.51 -7.67
CA GLY A 386 -11.57 8.01 -7.41
C GLY A 386 -11.58 9.28 -6.59
N GLY A 387 -10.38 9.71 -6.12
CA GLY A 387 -10.23 10.98 -5.43
C GLY A 387 -10.32 10.90 -3.92
N MET A 388 -9.45 10.09 -3.31
CA MET A 388 -9.39 10.02 -1.86
C MET A 388 -7.95 9.93 -1.38
N GLY A 389 -7.78 10.07 -0.08
CA GLY A 389 -6.55 9.77 0.60
C GLY A 389 -6.89 9.10 1.92
N THR A 390 -5.96 8.30 2.46
CA THR A 390 -6.11 7.76 3.81
C THR A 390 -4.76 7.78 4.50
N THR A 391 -4.80 8.04 5.80
CA THR A 391 -3.63 8.25 6.66
C THR A 391 -3.79 7.55 8.01
N LEU A 392 -2.66 7.08 8.54
CA LEU A 392 -2.56 6.49 9.88
C LEU A 392 -1.33 7.11 10.56
N ILE A 393 -1.49 7.60 11.78
CA ILE A 393 -0.39 8.14 12.60
C ILE A 393 -0.17 7.16 13.76
N VAL A 394 1.10 6.85 14.02
CA VAL A 394 1.50 5.89 15.01
C VAL A 394 2.63 6.45 15.90
N LYS A 395 2.79 5.89 17.09
CA LYS A 395 3.87 6.30 17.99
C LYS A 395 4.43 5.09 18.68
N ARG A 396 5.69 5.18 19.10
CA ARG A 396 6.33 4.08 19.84
C ARG A 396 7.16 4.65 20.99
#